data_2JH9
#
_entry.id   2JH9
#
_cell.length_a   75.539
_cell.length_b   75.539
_cell.length_c   423.421
_cell.angle_alpha   90.00
_cell.angle_beta   90.00
_cell.angle_gamma   120.00
#
_symmetry.space_group_name_H-M   'P 65 2 2'
#
loop_
_entity.id
_entity.type
_entity.pdbx_description
1 polymer 'VP4 CORE PROTEIN'
2 non-polymer "GUANOSINE-5'-TRIPHOSPHATE"
3 non-polymer GUANINE
#
_entity_poly.entity_id   1
_entity_poly.type   'polypeptide(L)'
_entity_poly.pdbx_seq_one_letter_code
;MPEPHAVLYVTNELSHIVKDGFLPIWKLTGDESLNDLWLENGKYATDVYAYGDVSKWTIRQLRGHGFIFISTHKNVQLAD
IIKTVDVRIPREVARSHDMKAFENEIGRRRIRMRKGFGDALRNYAFKMAIEFHGSEAETLNDANPRLHKIYGMPEIPPLY
MEYAEIGTRFDDEPTDEKLVSMLDYIVYSAEEVHYIGCGDLRTLMQFKKRSPGRFRRVLWHVYDPIAPECSDPNVIVHNI
MVDSKKDILKHMNFLKRVERLFIWDVSSDRSQMNDHEWETTRFAEDRLGEEIAYEMGGAFSSALIKHRIPNSKDEYHCIS
TYLFPQPGADADMYELRNFMRLRGYSHVDRHMHPDASVTKVVSRDVRKMVELYHGRDRGRFLKKRLFEHLHIVRKNGLLH
ESDEPRADLFYLTNRCNMGLEPSIYEVMKKSVIATAWVGRAPLYDYDDFALPRSTVMLNGSYRDIRILDGNGAILFLMWR
YPDIVKKDLTYDPAWAMNFAVSLKEPIPDPPVPDISLCRFIGLRVESSVLRVRNPTLHETADELKRMGLDLSGHLYVTLM
SGAYVTDLFWWFKMILDWSAQNREQKLRDLKRSAAEVIEWKEQMAERPWHVRNDLIAALREYKRKMGMREGASIDSWLEL
LRHL
;
_entity_poly.pdbx_strand_id   A
#
loop_
_chem_comp.id
_chem_comp.type
_chem_comp.name
_chem_comp.formula
GTP non-polymer GUANOSINE-5'-TRIPHOSPHATE 'C10 H16 N5 O14 P3'
GUN non-polymer GUANINE 'C5 H5 N5 O'
#
# COMPACT_ATOMS: atom_id res chain seq x y z
N PRO A 2 -18.38 -2.27 -9.65
CA PRO A 2 -19.72 -1.82 -10.03
C PRO A 2 -20.14 -2.34 -11.40
N GLU A 3 -19.36 -2.00 -12.41
CA GLU A 3 -19.68 -2.32 -13.79
C GLU A 3 -18.38 -2.62 -14.53
N PRO A 4 -17.32 -1.80 -14.27
CA PRO A 4 -16.09 -1.87 -15.05
C PRO A 4 -15.59 -3.29 -15.19
N HIS A 5 -15.02 -3.62 -16.34
CA HIS A 5 -14.50 -4.94 -16.48
C HIS A 5 -13.09 -4.96 -16.98
N ALA A 6 -12.53 -6.16 -17.04
CA ALA A 6 -11.34 -6.33 -17.82
C ALA A 6 -11.70 -7.14 -19.07
N VAL A 7 -11.05 -6.78 -20.18
CA VAL A 7 -10.92 -7.68 -21.32
C VAL A 7 -9.82 -8.75 -20.97
N LEU A 8 -10.22 -10.00 -20.85
CA LEU A 8 -9.25 -11.03 -20.54
C LEU A 8 -8.72 -11.55 -21.84
N TYR A 9 -7.75 -10.82 -22.38
CA TYR A 9 -7.16 -11.18 -23.66
C TYR A 9 -6.23 -12.37 -23.57
N VAL A 10 -6.54 -13.41 -24.34
CA VAL A 10 -5.73 -14.62 -24.42
C VAL A 10 -5.07 -14.71 -25.80
N THR A 11 -3.86 -15.28 -25.86
CA THR A 11 -3.20 -15.47 -27.16
C THR A 11 -3.61 -16.77 -27.85
N ASN A 12 -3.31 -16.83 -29.14
CA ASN A 12 -3.88 -17.80 -30.08
C ASN A 12 -4.04 -19.21 -29.53
N GLU A 13 -2.95 -19.76 -29.02
CA GLU A 13 -2.88 -21.17 -28.62
C GLU A 13 -3.94 -21.47 -27.56
N LEU A 14 -4.40 -20.43 -26.89
CA LEU A 14 -5.30 -20.59 -25.76
C LEU A 14 -6.76 -20.60 -26.16
N SER A 15 -7.05 -19.98 -27.29
CA SER A 15 -8.42 -19.61 -27.67
C SER A 15 -9.50 -20.66 -27.43
N HIS A 16 -9.38 -21.80 -28.09
CA HIS A 16 -10.43 -22.83 -28.07
C HIS A 16 -11.10 -23.10 -26.72
N ILE A 17 -10.31 -23.18 -25.63
CA ILE A 17 -10.85 -23.48 -24.28
C ILE A 17 -11.90 -22.47 -23.85
N VAL A 18 -11.51 -21.19 -23.86
CA VAL A 18 -12.40 -20.09 -23.59
C VAL A 18 -13.81 -20.36 -24.08
N LYS A 19 -13.91 -20.82 -25.32
CA LYS A 19 -15.18 -20.92 -26.01
C LYS A 19 -16.22 -21.81 -25.31
N ASP A 20 -15.73 -22.60 -24.35
CA ASP A 20 -16.55 -23.45 -23.47
C ASP A 20 -17.14 -22.71 -22.27
N GLY A 21 -16.59 -21.53 -21.95
CA GLY A 21 -16.93 -20.79 -20.72
C GLY A 21 -18.38 -20.33 -20.63
N PHE A 22 -18.64 -19.44 -19.66
CA PHE A 22 -19.98 -18.84 -19.56
C PHE A 22 -19.92 -17.32 -19.67
N LEU A 23 -18.69 -16.82 -19.78
CA LEU A 23 -18.37 -15.41 -20.07
C LEU A 23 -18.46 -15.11 -21.56
N PRO A 24 -18.72 -13.83 -21.92
CA PRO A 24 -18.70 -13.43 -23.33
C PRO A 24 -17.33 -13.60 -23.98
N ILE A 25 -17.33 -13.69 -25.31
CA ILE A 25 -16.11 -13.88 -26.07
C ILE A 25 -15.99 -12.83 -27.18
N TRP A 26 -15.02 -11.94 -27.05
CA TRP A 26 -14.82 -10.92 -28.07
C TRP A 26 -13.81 -11.40 -29.12
N LYS A 27 -14.28 -11.48 -30.36
CA LYS A 27 -13.45 -11.97 -31.46
C LYS A 27 -12.94 -10.85 -32.37
N LEU A 28 -11.61 -10.71 -32.45
CA LEU A 28 -10.89 -9.87 -33.43
C LEU A 28 -10.14 -10.88 -34.36
N THR A 29 -9.56 -10.55 -35.53
CA THR A 29 -9.85 -9.49 -36.52
C THR A 29 -9.02 -8.18 -36.50
N GLY A 30 -7.77 -8.24 -36.93
CA GLY A 30 -6.85 -7.08 -36.85
C GLY A 30 -7.21 -5.80 -37.60
N ASP A 31 -8.51 -5.64 -37.88
CA ASP A 31 -9.09 -4.47 -38.53
C ASP A 31 -10.62 -4.63 -38.50
N GLU A 32 -11.38 -3.95 -37.61
CA GLU A 32 -11.05 -2.92 -36.61
C GLU A 32 -10.28 -1.64 -36.90
N SER A 33 -11.05 -0.55 -36.84
CA SER A 33 -10.56 0.82 -36.69
C SER A 33 -10.59 1.11 -35.19
N LEU A 34 -10.15 2.30 -34.78
CA LEU A 34 -10.04 2.60 -33.35
C LEU A 34 -11.39 2.79 -32.66
N ASN A 35 -12.28 3.57 -33.29
CA ASN A 35 -13.64 3.75 -32.76
C ASN A 35 -14.45 2.46 -32.92
N ASP A 36 -13.86 1.44 -33.54
CA ASP A 36 -14.47 0.13 -33.58
C ASP A 36 -14.39 -0.55 -32.25
N LEU A 37 -13.24 -0.39 -31.60
CA LEU A 37 -12.99 -1.03 -30.33
C LEU A 37 -13.90 -0.44 -29.27
N TRP A 38 -13.90 0.89 -29.20
CA TRP A 38 -14.64 1.57 -28.16
C TRP A 38 -16.12 1.24 -28.15
N LEU A 39 -16.74 1.13 -29.33
CA LEU A 39 -18.14 0.75 -29.38
C LEU A 39 -18.41 -0.73 -29.05
N GLU A 40 -17.51 -1.62 -29.45
CA GLU A 40 -17.69 -3.04 -29.13
C GLU A 40 -17.49 -3.19 -27.64
N ASN A 41 -16.28 -2.87 -27.17
CA ASN A 41 -15.87 -3.10 -25.78
C ASN A 41 -16.98 -2.64 -24.85
N GLY A 42 -17.72 -1.61 -25.27
CA GLY A 42 -18.84 -1.11 -24.50
C GLY A 42 -20.06 -1.98 -24.37
N LYS A 43 -20.05 -3.16 -24.96
CA LYS A 43 -21.21 -4.07 -24.89
C LYS A 43 -21.19 -4.95 -23.65
N TYR A 44 -19.99 -5.11 -23.08
CA TYR A 44 -19.78 -6.09 -22.05
C TYR A 44 -19.94 -5.52 -20.65
N ALA A 45 -20.92 -6.02 -19.91
CA ALA A 45 -21.12 -5.63 -18.51
C ALA A 45 -20.27 -6.41 -17.49
N THR A 46 -19.84 -7.62 -17.85
CA THR A 46 -18.90 -8.43 -17.05
C THR A 46 -17.55 -8.38 -17.71
N ASP A 47 -16.58 -9.11 -17.15
CA ASP A 47 -15.29 -9.33 -17.81
C ASP A 47 -15.50 -10.12 -19.11
N VAL A 48 -14.55 -10.02 -20.04
CA VAL A 48 -14.66 -10.76 -21.28
C VAL A 48 -13.37 -11.40 -21.74
N TYR A 49 -13.52 -12.37 -22.63
CA TYR A 49 -12.39 -12.98 -23.29
C TYR A 49 -12.20 -12.36 -24.68
N ALA A 50 -10.95 -12.14 -25.04
CA ALA A 50 -10.64 -11.61 -26.36
C ALA A 50 -9.47 -12.36 -26.98
N TYR A 51 -9.59 -12.65 -28.28
CA TYR A 51 -8.49 -13.21 -29.02
C TYR A 51 -8.42 -12.64 -30.42
N GLY A 52 -7.32 -12.92 -31.12
CA GLY A 52 -7.08 -12.33 -32.43
C GLY A 52 -6.16 -11.11 -32.38
N ASP A 53 -5.67 -10.74 -33.56
CA ASP A 53 -4.60 -9.74 -33.76
C ASP A 53 -4.84 -8.35 -33.19
N VAL A 54 -3.85 -7.87 -32.45
CA VAL A 54 -3.87 -6.52 -31.86
C VAL A 54 -2.49 -5.88 -31.95
N SER A 55 -1.82 -6.01 -33.09
CA SER A 55 -0.48 -5.50 -33.20
C SER A 55 -0.52 -4.00 -33.55
N LYS A 56 -1.72 -3.52 -33.88
CA LYS A 56 -1.92 -2.12 -34.29
C LYS A 56 -1.82 -1.14 -33.11
N TRP A 57 -2.20 -1.60 -31.93
CA TRP A 57 -2.46 -0.70 -30.80
C TRP A 57 -1.35 -0.65 -29.77
N THR A 58 -1.21 0.52 -29.13
CA THR A 58 -0.28 0.70 -28.03
C THR A 58 -0.79 0.09 -26.73
N ILE A 59 0.10 0.03 -25.75
CA ILE A 59 -0.23 -0.60 -24.46
C ILE A 59 -1.19 0.26 -23.67
N ARG A 60 -0.83 1.53 -23.55
CA ARG A 60 -1.64 2.52 -22.88
C ARG A 60 -3.04 2.50 -23.41
N GLN A 61 -3.16 2.31 -24.73
CA GLN A 61 -4.46 2.14 -25.37
C GLN A 61 -5.14 0.90 -24.83
N LEU A 62 -4.39 -0.20 -24.83
CA LEU A 62 -4.97 -1.47 -24.46
C LEU A 62 -5.29 -1.57 -22.99
N ARG A 63 -4.56 -0.82 -22.16
CA ARG A 63 -4.90 -0.74 -20.75
C ARG A 63 -6.14 0.13 -20.52
N GLY A 64 -6.20 1.24 -21.24
CA GLY A 64 -7.43 2.03 -21.25
C GLY A 64 -8.71 1.22 -21.51
N HIS A 65 -8.56 0.09 -22.17
CA HIS A 65 -9.73 -0.63 -22.58
C HIS A 65 -10.16 -1.66 -21.54
N GLY A 66 -9.20 -2.07 -20.69
CA GLY A 66 -9.42 -3.10 -19.66
C GLY A 66 -8.65 -4.39 -19.91
N PHE A 67 -7.62 -4.31 -20.76
CA PHE A 67 -6.99 -5.51 -21.24
C PHE A 67 -6.07 -6.04 -20.20
N ILE A 68 -6.27 -7.31 -19.86
CA ILE A 68 -5.26 -8.13 -19.19
C ILE A 68 -4.85 -9.28 -20.13
N PHE A 69 -3.54 -9.53 -20.16
CA PHE A 69 -2.90 -10.39 -21.12
C PHE A 69 -2.60 -11.74 -20.54
N ILE A 70 -3.28 -12.74 -21.08
CA ILE A 70 -3.09 -14.11 -20.69
C ILE A 70 -2.53 -14.79 -21.91
N SER A 71 -1.46 -15.55 -21.72
CA SER A 71 -0.79 -16.27 -22.80
C SER A 71 0.01 -17.37 -22.16
N THR A 72 0.55 -18.28 -22.96
CA THR A 72 1.48 -19.27 -22.42
C THR A 72 2.90 -18.76 -22.55
N HIS A 73 3.14 -17.94 -23.56
CA HIS A 73 4.48 -17.39 -23.80
C HIS A 73 4.66 -16.10 -22.99
N LYS A 74 5.91 -15.68 -22.79
CA LYS A 74 6.27 -14.56 -21.85
C LYS A 74 5.77 -13.16 -22.26
N ASN A 75 5.62 -12.92 -23.54
CA ASN A 75 5.22 -11.62 -24.00
C ASN A 75 4.46 -11.66 -25.30
N VAL A 76 3.80 -10.55 -25.60
CA VAL A 76 3.04 -10.43 -26.85
C VAL A 76 3.45 -9.14 -27.59
N GLN A 77 3.49 -9.21 -28.91
CA GLN A 77 3.92 -8.07 -29.70
C GLN A 77 2.79 -7.06 -29.94
N LEU A 78 2.96 -5.88 -29.35
CA LEU A 78 2.11 -4.71 -29.55
C LEU A 78 2.78 -3.67 -30.47
N ALA A 79 2.23 -2.45 -30.49
CA ALA A 79 2.73 -1.38 -31.36
C ALA A 79 3.69 -0.48 -30.61
N ASP A 80 3.30 -0.17 -29.37
CA ASP A 80 4.06 0.63 -28.42
C ASP A 80 5.41 -0.02 -28.15
N ILE A 81 5.34 -1.19 -27.50
CA ILE A 81 6.50 -1.96 -27.01
C ILE A 81 6.15 -3.47 -27.03
N ILE A 82 6.96 -4.27 -26.34
CA ILE A 82 6.81 -5.72 -26.30
C ILE A 82 6.53 -6.11 -24.85
N LYS A 83 5.25 -6.16 -24.51
CA LYS A 83 4.73 -6.28 -23.13
C LYS A 83 4.99 -7.63 -22.49
N THR A 84 5.25 -7.62 -21.19
CA THR A 84 5.26 -8.83 -20.38
C THR A 84 3.83 -9.27 -20.11
N VAL A 85 3.50 -10.45 -20.61
CA VAL A 85 2.24 -11.11 -20.33
C VAL A 85 1.89 -11.02 -18.84
N ASP A 86 0.70 -10.52 -18.53
CA ASP A 86 0.22 -10.41 -17.14
C ASP A 86 0.08 -11.77 -16.42
N VAL A 87 -0.63 -12.71 -17.06
CA VAL A 87 -0.85 -14.02 -16.49
C VAL A 87 -0.18 -15.04 -17.41
N ARG A 88 0.92 -15.62 -16.96
CA ARG A 88 1.52 -16.73 -17.68
C ARG A 88 0.87 -18.06 -17.26
N ILE A 89 0.15 -18.68 -18.19
CA ILE A 89 -0.39 -20.02 -17.95
C ILE A 89 0.75 -21.05 -17.97
N PRO A 90 0.89 -21.85 -16.89
CA PRO A 90 1.91 -22.91 -16.92
C PRO A 90 1.53 -23.97 -17.96
N ARG A 91 2.54 -24.49 -18.67
CA ARG A 91 2.36 -25.51 -19.70
C ARG A 91 1.31 -26.54 -19.28
N GLU A 92 1.67 -27.38 -18.30
CA GLU A 92 0.86 -28.51 -17.84
C GLU A 92 -0.55 -28.10 -17.35
N VAL A 93 -0.76 -26.80 -17.14
CA VAL A 93 -2.06 -26.26 -16.72
C VAL A 93 -2.90 -25.69 -17.87
N ALA A 94 -2.34 -25.65 -19.09
CA ALA A 94 -3.16 -25.34 -20.26
C ALA A 94 -4.29 -26.37 -20.33
N ARG A 95 -4.10 -27.60 -20.84
CA ARG A 95 -3.13 -28.06 -21.84
C ARG A 95 -3.37 -29.51 -22.33
N SER A 96 -4.14 -30.39 -21.65
CA SER A 96 -5.04 -30.23 -20.46
C SER A 96 -6.46 -29.69 -20.76
N HIS A 97 -6.58 -28.38 -20.91
CA HIS A 97 -7.80 -27.80 -21.45
C HIS A 97 -9.01 -27.95 -20.54
N ASP A 98 -8.76 -27.81 -19.24
CA ASP A 98 -9.86 -27.59 -18.29
C ASP A 98 -10.17 -26.11 -18.28
N MET A 99 -11.45 -25.79 -18.48
CA MET A 99 -11.85 -24.40 -18.55
C MET A 99 -11.86 -23.80 -17.13
N LYS A 100 -12.07 -24.66 -16.12
CA LYS A 100 -12.04 -24.25 -14.72
C LYS A 100 -10.61 -23.99 -14.24
N ALA A 101 -9.74 -25.01 -14.30
CA ALA A 101 -8.33 -24.86 -13.88
C ALA A 101 -7.75 -23.55 -14.38
N PHE A 102 -8.06 -23.27 -15.64
CA PHE A 102 -7.62 -22.11 -16.33
C PHE A 102 -8.23 -20.86 -15.67
N GLU A 103 -9.55 -20.87 -15.50
CA GLU A 103 -10.25 -19.76 -14.85
C GLU A 103 -9.77 -19.48 -13.44
N ASN A 104 -9.65 -20.53 -12.62
CA ASN A 104 -9.08 -20.40 -11.28
C ASN A 104 -7.64 -19.91 -11.35
N GLU A 105 -6.90 -20.32 -12.38
CA GLU A 105 -5.53 -19.83 -12.58
C GLU A 105 -5.51 -18.34 -12.87
N ILE A 106 -6.45 -17.86 -13.69
CA ILE A 106 -6.50 -16.43 -13.89
C ILE A 106 -6.74 -15.70 -12.57
N GLY A 107 -7.75 -16.15 -11.81
CA GLY A 107 -8.11 -15.52 -10.55
C GLY A 107 -6.94 -15.28 -9.61
N ARG A 108 -6.28 -16.38 -9.25
CA ARG A 108 -5.14 -16.34 -8.36
C ARG A 108 -4.16 -15.22 -8.73
N ARG A 109 -3.71 -15.23 -9.98
CA ARG A 109 -2.69 -14.29 -10.48
C ARG A 109 -3.23 -12.88 -10.34
N ARG A 110 -4.46 -12.70 -10.79
CA ARG A 110 -5.18 -11.43 -10.69
C ARG A 110 -5.15 -10.92 -9.26
N ILE A 111 -5.39 -11.80 -8.30
CA ILE A 111 -5.24 -11.43 -6.90
C ILE A 111 -3.81 -11.05 -6.54
N ARG A 112 -2.81 -11.60 -7.24
CA ARG A 112 -1.42 -11.23 -6.98
C ARG A 112 -1.13 -9.85 -7.55
N MET A 113 -1.89 -9.46 -8.57
CA MET A 113 -1.66 -8.21 -9.27
C MET A 113 -2.05 -6.96 -8.47
N ARG A 114 -2.95 -7.12 -7.50
CA ARG A 114 -3.31 -6.02 -6.59
C ARG A 114 -2.04 -5.26 -6.14
N LYS A 115 -1.03 -5.98 -5.68
CA LYS A 115 0.16 -5.31 -5.18
C LYS A 115 0.86 -4.36 -6.17
N GLY A 116 0.91 -4.74 -7.46
CA GLY A 116 1.54 -3.90 -8.49
C GLY A 116 0.87 -2.54 -8.63
N PHE A 117 -0.44 -2.55 -8.57
CA PHE A 117 -1.22 -1.31 -8.64
C PHE A 117 -0.92 -0.44 -7.40
N GLY A 118 -0.93 -1.05 -6.22
CA GLY A 118 -0.70 -0.32 -5.00
C GLY A 118 0.73 0.11 -4.86
N ASP A 119 1.62 -0.62 -5.51
CA ASP A 119 3.03 -0.29 -5.43
C ASP A 119 3.22 0.95 -6.24
N ALA A 120 2.58 0.98 -7.41
CA ALA A 120 2.79 2.05 -8.36
C ALA A 120 2.44 3.36 -7.70
N LEU A 121 1.31 3.37 -7.00
CA LEU A 121 0.80 4.54 -6.33
C LEU A 121 1.74 4.95 -5.22
N ARG A 122 1.98 4.02 -4.31
CA ARG A 122 2.89 4.23 -3.21
C ARG A 122 4.21 4.78 -3.73
N ASN A 123 4.70 4.16 -4.81
CA ASN A 123 6.02 4.45 -5.33
C ASN A 123 6.15 5.88 -5.85
N TYR A 124 5.04 6.41 -6.33
CA TYR A 124 4.97 7.81 -6.73
C TYR A 124 5.00 8.64 -5.48
N ALA A 125 4.12 8.28 -4.56
CA ALA A 125 3.94 8.94 -3.27
C ALA A 125 5.23 9.09 -2.45
N PHE A 126 6.14 8.11 -2.56
CA PHE A 126 7.41 8.23 -1.86
C PHE A 126 8.25 9.34 -2.47
N LYS A 127 8.22 9.42 -3.80
CA LYS A 127 8.92 10.46 -4.55
C LYS A 127 8.38 11.85 -4.25
N MET A 128 7.09 11.93 -3.92
CA MET A 128 6.43 13.23 -3.82
C MET A 128 5.87 13.64 -2.47
N ALA A 129 6.20 12.94 -1.39
CA ALA A 129 5.57 13.24 -0.09
C ALA A 129 6.39 12.88 1.14
N ILE A 130 6.06 13.51 2.26
CA ILE A 130 6.72 13.25 3.53
C ILE A 130 5.88 12.42 4.50
N GLU A 131 4.68 12.88 4.81
CA GLU A 131 3.81 12.15 5.72
C GLU A 131 3.06 11.08 4.96
N PHE A 132 2.78 9.98 5.64
CA PHE A 132 2.02 8.87 5.11
C PHE A 132 1.05 8.48 6.18
N HIS A 133 -0.20 8.24 5.81
CA HIS A 133 -1.21 7.91 6.80
C HIS A 133 -1.91 6.60 6.47
N GLY A 134 -2.71 6.11 7.42
CA GLY A 134 -3.26 4.76 7.39
C GLY A 134 -2.23 3.72 6.99
N SER A 135 -1.00 3.88 7.50
CA SER A 135 0.17 3.10 7.04
C SER A 135 0.22 1.75 7.71
N GLU A 136 1.08 0.86 7.18
CA GLU A 136 1.24 -0.52 7.64
C GLU A 136 2.58 -1.06 7.20
N ALA A 137 2.96 -2.21 7.74
CA ALA A 137 4.27 -2.80 7.47
C ALA A 137 4.77 -2.55 6.06
N GLU A 138 3.88 -2.70 5.07
CA GLU A 138 4.28 -2.62 3.66
C GLU A 138 4.85 -1.25 3.35
N THR A 139 4.14 -0.20 3.80
CA THR A 139 4.60 1.19 3.69
C THR A 139 5.92 1.40 4.43
N LEU A 140 6.06 0.81 5.61
CA LEU A 140 7.29 0.92 6.40
C LEU A 140 8.45 0.37 5.64
N ASN A 141 8.19 -0.75 4.97
CA ASN A 141 9.22 -1.52 4.30
C ASN A 141 9.97 -0.69 3.27
N ASP A 142 9.23 0.04 2.45
CA ASP A 142 9.87 0.81 1.39
C ASP A 142 10.23 2.23 1.77
N ALA A 143 10.04 2.59 3.02
CA ALA A 143 10.24 3.96 3.42
C ALA A 143 11.71 4.25 3.64
N ASN A 144 12.15 5.46 3.30
CA ASN A 144 13.34 5.99 3.95
C ASN A 144 12.89 6.49 5.33
N PRO A 145 13.40 5.88 6.42
CA PRO A 145 12.95 6.26 7.75
C PRO A 145 13.62 7.56 8.24
N ARG A 146 14.71 7.96 7.55
CA ARG A 146 15.39 9.21 7.84
C ARG A 146 14.80 10.39 7.07
N LEU A 147 13.79 10.13 6.25
CA LEU A 147 13.13 11.19 5.45
C LEU A 147 11.63 11.15 5.62
N HIS A 148 11.02 10.04 5.27
CA HIS A 148 9.58 9.95 5.37
C HIS A 148 9.16 9.89 6.82
N LYS A 149 7.90 10.21 7.07
CA LYS A 149 7.32 10.19 8.38
C LYS A 149 6.04 9.43 8.21
N ILE A 150 5.95 8.26 8.85
CA ILE A 150 4.93 7.23 8.58
C ILE A 150 3.94 7.06 9.73
N TYR A 151 2.65 7.35 9.49
CA TYR A 151 1.61 7.23 10.53
C TYR A 151 0.47 6.29 10.18
N GLY A 152 -0.48 6.22 11.12
CA GLY A 152 -1.57 5.28 11.03
C GLY A 152 -2.03 4.84 12.40
N MET A 153 -2.90 3.84 12.41
CA MET A 153 -3.43 3.28 13.62
C MET A 153 -3.45 1.77 13.42
N PRO A 154 -2.27 1.13 13.53
CA PRO A 154 -2.18 -0.31 13.27
C PRO A 154 -2.70 -1.11 14.43
N GLU A 155 -3.06 -2.36 14.19
CA GLU A 155 -3.77 -3.19 15.19
C GLU A 155 -2.83 -3.71 16.29
N ILE A 156 -2.95 -3.16 17.50
CA ILE A 156 -1.96 -3.39 18.57
C ILE A 156 -1.82 -4.85 19.01
N PRO A 157 -0.57 -5.38 19.01
CA PRO A 157 -0.20 -6.71 19.52
C PRO A 157 -0.50 -6.97 21.01
N PRO A 158 -0.36 -8.24 21.47
CA PRO A 158 -0.42 -8.65 22.89
C PRO A 158 0.70 -8.05 23.72
N LEU A 159 0.36 -7.38 24.81
CA LEU A 159 1.38 -6.64 25.55
C LEU A 159 1.23 -6.76 27.03
N TYR A 160 2.37 -6.66 27.71
CA TYR A 160 2.33 -6.60 29.14
C TYR A 160 2.92 -5.34 29.71
N MET A 161 2.10 -4.69 30.53
CA MET A 161 2.51 -3.67 31.52
C MET A 161 1.40 -3.43 32.60
N GLU A 162 1.48 -2.25 33.20
CA GLU A 162 0.39 -1.64 34.00
C GLU A 162 -0.82 -2.44 34.61
N TYR A 163 -1.87 -2.92 33.89
CA TYR A 163 -2.20 -3.00 32.44
C TYR A 163 -2.54 -4.46 32.05
N ALA A 164 -1.81 -5.01 31.08
CA ALA A 164 -2.03 -6.38 30.58
C ALA A 164 -3.22 -6.52 29.59
N GLU A 165 -4.46 -6.69 30.15
CA GLU A 165 -5.76 -6.77 29.41
C GLU A 165 -6.09 -8.12 28.70
N ILE A 166 -5.04 -8.86 28.33
CA ILE A 166 -5.07 -10.06 27.44
C ILE A 166 -6.19 -11.12 27.66
N GLY A 167 -6.60 -11.86 26.62
CA GLY A 167 -5.94 -11.90 25.30
C GLY A 167 -6.26 -10.78 24.30
N THR A 168 -7.22 -11.01 23.41
CA THR A 168 -7.76 -12.34 23.14
C THR A 168 -6.91 -12.98 22.02
N ARG A 169 -7.17 -14.24 21.71
CA ARG A 169 -6.38 -15.01 20.74
C ARG A 169 -6.80 -14.77 19.29
N PHE A 170 -5.83 -14.80 18.38
CA PHE A 170 -6.08 -14.66 16.94
C PHE A 170 -5.38 -15.77 16.14
N ASP A 171 -5.96 -16.13 14.98
CA ASP A 171 -5.33 -17.07 14.05
C ASP A 171 -3.93 -16.60 13.66
N ASP A 172 -2.99 -17.54 13.45
CA ASP A 172 -1.59 -17.20 13.15
C ASP A 172 -0.82 -18.34 12.47
N GLU A 173 0.35 -18.01 11.94
CA GLU A 173 1.13 -18.93 11.10
C GLU A 173 2.66 -18.91 11.39
N PRO A 174 3.38 -19.97 10.96
CA PRO A 174 4.81 -20.09 11.27
C PRO A 174 5.62 -18.94 10.70
N THR A 175 6.74 -18.62 11.35
CA THR A 175 7.72 -17.68 10.77
C THR A 175 9.14 -18.02 11.08
N ASP A 176 10.03 -17.12 10.65
CA ASP A 176 11.45 -17.17 10.91
C ASP A 176 11.78 -17.53 12.36
N GLU A 177 12.89 -18.23 12.57
CA GLU A 177 13.28 -18.68 13.90
C GLU A 177 13.37 -17.56 14.92
N LYS A 178 13.07 -17.88 16.18
CA LYS A 178 12.95 -16.90 17.24
C LYS A 178 13.88 -15.72 17.06
N LEU A 179 15.17 -16.01 16.96
CA LEU A 179 16.18 -14.94 16.89
C LEU A 179 16.37 -14.21 15.54
N VAL A 180 15.94 -14.75 14.41
CA VAL A 180 15.96 -13.89 13.21
C VAL A 180 14.68 -13.06 13.17
N SER A 181 13.60 -13.63 13.70
CA SER A 181 12.34 -12.92 13.84
C SER A 181 12.48 -11.74 14.80
N MET A 182 13.53 -11.78 15.63
CA MET A 182 13.76 -10.72 16.62
C MET A 182 14.25 -9.51 15.87
N LEU A 183 15.44 -9.62 15.32
CA LEU A 183 15.98 -8.61 14.42
C LEU A 183 14.90 -8.14 13.45
N ASP A 184 14.28 -9.03 12.70
CA ASP A 184 13.19 -8.65 11.80
C ASP A 184 12.23 -7.55 12.32
N TYR A 185 11.71 -7.63 13.55
CA TYR A 185 10.80 -6.55 13.98
C TYR A 185 11.47 -5.32 14.62
N ILE A 186 12.67 -5.49 15.15
CA ILE A 186 13.26 -4.39 15.90
C ILE A 186 14.16 -3.50 15.05
N VAL A 187 14.61 -4.02 13.91
CA VAL A 187 15.42 -3.21 12.99
C VAL A 187 14.57 -2.52 11.91
N TYR A 188 14.40 -1.22 12.08
CA TYR A 188 13.73 -0.39 11.11
C TYR A 188 14.46 0.95 10.95
N SER A 189 14.60 1.69 12.04
CA SER A 189 15.14 3.04 11.98
C SER A 189 16.46 3.21 12.69
N ALA A 190 16.92 2.17 13.39
CA ALA A 190 18.25 2.23 14.04
C ALA A 190 19.38 2.42 13.03
N GLU A 191 20.45 3.11 13.40
CA GLU A 191 21.60 3.27 12.51
C GLU A 191 22.83 2.52 13.02
N GLU A 192 22.83 2.24 14.31
CA GLU A 192 23.93 1.57 14.99
C GLU A 192 23.29 0.60 16.00
N VAL A 193 23.67 -0.67 15.90
CA VAL A 193 23.18 -1.66 16.84
C VAL A 193 24.31 -2.19 17.70
N HIS A 194 24.08 -2.14 19.01
CA HIS A 194 24.96 -2.74 20.01
C HIS A 194 24.29 -4.00 20.51
N TYR A 195 24.73 -5.13 19.97
CA TYR A 195 24.09 -6.41 20.18
C TYR A 195 24.97 -7.06 21.18
N ILE A 196 24.41 -7.39 22.34
CA ILE A 196 25.21 -7.95 23.42
C ILE A 196 24.88 -9.41 23.67
N GLY A 197 25.90 -10.25 23.55
CA GLY A 197 25.71 -11.69 23.64
C GLY A 197 25.15 -12.15 22.32
N CYS A 198 25.97 -12.02 21.28
CA CYS A 198 25.55 -12.34 19.93
C CYS A 198 25.91 -13.79 19.55
N GLY A 199 26.84 -14.39 20.27
CA GLY A 199 27.09 -15.82 20.14
C GLY A 199 28.02 -16.25 19.03
N ASP A 200 27.48 -17.03 18.11
CA ASP A 200 28.25 -17.56 16.98
C ASP A 200 27.98 -16.74 15.70
N LEU A 201 27.01 -15.82 15.81
CA LEU A 201 26.68 -14.88 14.74
C LEU A 201 25.84 -15.46 13.60
N ARG A 202 25.41 -16.71 13.76
CA ARG A 202 24.52 -17.36 12.79
C ARG A 202 23.26 -16.51 12.64
N THR A 203 22.67 -16.14 13.78
CA THR A 203 21.48 -15.29 13.85
C THR A 203 21.60 -14.06 12.96
N LEU A 204 22.74 -13.35 13.11
CA LEU A 204 22.98 -12.14 12.35
C LEU A 204 23.21 -12.45 10.86
N MET A 205 23.92 -13.54 10.58
CA MET A 205 24.22 -13.91 9.20
C MET A 205 22.95 -14.32 8.49
N GLN A 206 22.03 -14.96 9.22
CA GLN A 206 20.79 -15.41 8.62
C GLN A 206 19.93 -14.21 8.27
N PHE A 207 19.96 -13.23 9.18
CA PHE A 207 19.34 -11.93 8.94
C PHE A 207 19.91 -11.26 7.69
N LYS A 208 21.24 -11.34 7.52
CA LYS A 208 21.91 -10.80 6.33
C LYS A 208 21.44 -11.52 5.09
N LYS A 209 21.34 -12.85 5.14
CA LYS A 209 20.96 -13.60 3.96
C LYS A 209 19.49 -13.39 3.62
N ARG A 210 18.66 -13.18 4.64
CA ARG A 210 17.22 -12.95 4.44
C ARG A 210 16.82 -11.49 4.17
N SER A 211 17.41 -10.56 4.93
CA SER A 211 17.04 -9.14 4.89
C SER A 211 18.25 -8.23 4.57
N PRO A 212 18.75 -8.28 3.31
CA PRO A 212 20.12 -7.79 3.00
C PRO A 212 20.29 -6.27 2.99
N GLY A 213 19.20 -5.57 2.66
CA GLY A 213 19.21 -4.12 2.58
C GLY A 213 19.55 -3.54 3.93
N ARG A 214 18.60 -3.63 4.85
CA ARG A 214 18.71 -2.97 6.12
C ARG A 214 19.76 -3.54 7.02
N PHE A 215 20.24 -4.75 6.72
CA PHE A 215 21.42 -5.25 7.40
C PHE A 215 22.61 -4.39 7.03
N ARG A 216 22.71 -4.06 5.74
CA ARG A 216 23.84 -3.33 5.20
C ARG A 216 23.85 -1.89 5.69
N ARG A 217 22.64 -1.36 5.90
CA ARG A 217 22.44 0.02 6.35
C ARG A 217 22.49 0.19 7.87
N VAL A 218 23.09 -0.77 8.58
CA VAL A 218 23.20 -0.67 10.04
C VAL A 218 24.59 -1.00 10.50
N LEU A 219 25.03 -0.35 11.57
CA LEU A 219 26.38 -0.60 12.10
C LEU A 219 26.28 -1.51 13.33
N TRP A 220 27.01 -2.61 13.30
CA TRP A 220 26.85 -3.63 14.32
C TRP A 220 28.12 -3.74 15.13
N HIS A 221 28.02 -3.29 16.38
CA HIS A 221 28.97 -3.66 17.37
C HIS A 221 28.27 -4.82 17.99
N VAL A 222 28.90 -5.98 17.89
CA VAL A 222 28.34 -7.19 18.45
C VAL A 222 29.31 -7.70 19.53
N TYR A 223 28.77 -8.15 20.66
CA TYR A 223 29.63 -8.42 21.82
C TYR A 223 29.57 -9.85 22.35
N ASP A 224 30.70 -10.56 22.32
CA ASP A 224 30.78 -11.91 22.88
C ASP A 224 32.21 -12.44 22.90
N PRO A 225 32.65 -12.99 24.05
CA PRO A 225 33.82 -13.88 24.13
C PRO A 225 33.95 -14.95 23.02
N ILE A 226 32.78 -15.51 22.57
CA ILE A 226 32.80 -16.58 21.54
C ILE A 226 32.49 -16.08 20.11
N ALA A 227 32.27 -14.78 19.97
CA ALA A 227 31.94 -14.20 18.66
C ALA A 227 33.08 -14.40 17.67
N PRO A 228 32.80 -15.08 16.54
CA PRO A 228 33.83 -15.42 15.55
C PRO A 228 34.23 -14.20 14.72
N GLU A 229 35.39 -14.27 14.05
CA GLU A 229 35.81 -13.23 13.12
C GLU A 229 34.77 -13.08 12.02
N CYS A 230 34.37 -11.85 11.72
CA CYS A 230 33.45 -11.57 10.63
C CYS A 230 34.07 -10.48 9.80
N SER A 231 34.36 -10.83 8.54
CA SER A 231 34.98 -9.90 7.61
C SER A 231 34.11 -8.65 7.42
N ASP A 232 32.79 -8.83 7.32
CA ASP A 232 31.83 -7.74 7.10
C ASP A 232 32.22 -6.37 7.68
N PRO A 233 32.30 -5.34 6.81
CA PRO A 233 32.82 -4.03 7.18
C PRO A 233 31.83 -3.18 7.96
N ASN A 234 30.55 -3.53 7.94
CA ASN A 234 29.62 -2.86 8.81
C ASN A 234 29.46 -3.65 10.11
N VAL A 235 30.33 -4.63 10.30
CA VAL A 235 30.30 -5.46 11.50
C VAL A 235 31.62 -5.40 12.28
N ILE A 236 31.57 -4.62 13.36
CA ILE A 236 32.69 -4.45 14.25
C ILE A 236 32.44 -5.38 15.41
N VAL A 237 33.43 -6.23 15.68
CA VAL A 237 33.29 -7.34 16.62
C VAL A 237 34.11 -7.12 17.88
N HIS A 238 33.51 -7.44 19.02
CA HIS A 238 34.17 -7.30 20.31
C HIS A 238 34.16 -8.61 21.10
N ASN A 239 35.35 -9.09 21.45
CA ASN A 239 35.51 -10.31 22.23
C ASN A 239 35.39 -10.08 23.73
N ILE A 240 35.24 -8.81 24.12
CA ILE A 240 34.88 -8.41 25.49
C ILE A 240 33.59 -9.08 25.99
N MET A 241 33.50 -9.26 27.31
CA MET A 241 32.28 -9.72 27.99
C MET A 241 31.69 -8.54 28.80
N VAL A 242 30.37 -8.39 28.80
CA VAL A 242 29.77 -7.12 29.29
C VAL A 242 29.14 -7.16 30.67
N ASP A 243 29.75 -6.40 31.58
CA ASP A 243 29.27 -6.26 32.95
C ASP A 243 28.97 -4.79 33.32
N SER A 244 29.25 -3.85 32.41
CA SER A 244 28.87 -2.44 32.60
C SER A 244 28.71 -1.61 31.32
N LYS A 245 28.22 -0.38 31.48
CA LYS A 245 28.07 0.56 30.39
C LYS A 245 29.43 0.98 29.83
N LYS A 246 30.47 0.97 30.67
CA LYS A 246 31.80 1.40 30.23
C LYS A 246 32.38 0.48 29.15
N ASP A 247 31.88 -0.75 29.12
CA ASP A 247 32.23 -1.74 28.10
C ASP A 247 31.71 -1.39 26.72
N ILE A 248 30.69 -0.52 26.67
CA ILE A 248 29.99 -0.16 25.43
C ILE A 248 30.27 1.28 24.96
N LEU A 249 30.44 2.18 25.93
CA LEU A 249 30.76 3.60 25.71
C LEU A 249 32.01 3.85 24.87
N LYS A 250 33.07 3.06 25.08
CA LYS A 250 34.30 3.26 24.30
C LYS A 250 34.11 2.96 22.79
N HIS A 251 32.90 2.52 22.44
CA HIS A 251 32.57 2.14 21.07
C HIS A 251 31.34 2.94 20.59
N MET A 252 31.45 4.27 20.66
CA MET A 252 30.38 5.18 20.27
C MET A 252 30.93 6.53 19.85
N ASN A 253 30.41 7.06 18.75
CA ASN A 253 30.74 8.41 18.34
C ASN A 253 29.68 9.38 18.89
N PHE A 254 30.16 10.34 19.68
CA PHE A 254 29.30 11.35 20.30
C PHE A 254 29.31 12.67 19.56
N LEU A 255 30.43 12.98 18.92
CA LEU A 255 30.53 14.15 18.06
C LEU A 255 29.58 14.05 16.86
N LYS A 256 28.92 12.91 16.71
CA LYS A 256 27.95 12.74 15.64
C LYS A 256 26.68 11.98 16.05
N ARG A 257 25.55 12.60 15.69
CA ARG A 257 24.20 12.16 16.00
C ARG A 257 23.87 10.81 15.35
N VAL A 258 23.03 10.01 16.01
CA VAL A 258 22.62 8.72 15.48
C VAL A 258 21.42 8.18 16.24
N GLU A 259 20.71 7.23 15.64
CA GLU A 259 19.80 6.42 16.42
C GLU A 259 20.51 5.12 16.73
N ARG A 260 20.69 4.86 18.01
CA ARG A 260 21.34 3.67 18.46
C ARG A 260 20.26 2.74 18.96
N LEU A 261 20.43 1.43 18.72
CA LEU A 261 19.59 0.37 19.34
C LEU A 261 20.41 -0.63 20.11
N PHE A 262 20.05 -0.84 21.37
CA PHE A 262 20.76 -1.74 22.28
C PHE A 262 19.94 -3.03 22.43
N ILE A 263 20.59 -4.18 22.20
CA ILE A 263 19.94 -5.51 22.20
C ILE A 263 20.68 -6.45 23.17
N TRP A 264 19.96 -6.93 24.20
CA TRP A 264 20.58 -7.73 25.27
C TRP A 264 20.07 -9.16 25.27
N ASP A 265 20.99 -10.12 25.09
CA ASP A 265 20.65 -11.53 24.94
C ASP A 265 21.64 -12.39 25.71
N VAL A 266 21.79 -12.10 26.98
CA VAL A 266 22.88 -12.66 27.76
C VAL A 266 22.47 -13.84 28.64
N SER A 267 23.09 -14.98 28.39
CA SER A 267 22.85 -16.21 29.13
C SER A 267 24.15 -16.98 29.49
N SER A 268 24.21 -17.53 30.69
CA SER A 268 25.41 -18.22 31.17
C SER A 268 25.33 -19.73 30.95
N ASP A 269 25.87 -20.53 31.89
CA ASP A 269 25.85 -21.99 31.79
C ASP A 269 25.20 -22.62 33.01
N GLU A 277 21.16 -25.28 43.27
CA GLU A 277 21.38 -25.02 41.84
C GLU A 277 20.05 -24.53 41.18
N TRP A 278 19.75 -23.22 41.72
CA TRP A 278 18.71 -22.43 41.05
C TRP A 278 19.39 -21.44 40.11
N GLU A 279 18.59 -20.88 39.21
CA GLU A 279 19.03 -19.84 38.32
C GLU A 279 18.30 -18.54 38.69
N THR A 280 18.89 -17.86 39.68
CA THR A 280 18.49 -16.52 40.11
C THR A 280 19.57 -15.64 39.50
N THR A 281 20.04 -16.10 38.34
CA THR A 281 21.20 -15.57 37.63
C THR A 281 20.74 -15.20 36.24
N ARG A 282 20.06 -16.16 35.59
CA ARG A 282 19.24 -15.87 34.44
C ARG A 282 18.66 -14.51 34.71
N PHE A 283 18.19 -14.35 35.95
CA PHE A 283 17.48 -13.14 36.41
C PHE A 283 18.35 -11.89 36.42
N ALA A 284 19.40 -11.88 37.27
CA ALA A 284 20.28 -10.70 37.40
C ALA A 284 21.10 -10.38 36.14
N GLU A 285 20.86 -11.16 35.07
CA GLU A 285 21.41 -10.89 33.73
C GLU A 285 20.43 -10.02 32.98
N ASP A 286 19.25 -10.57 32.76
CA ASP A 286 18.09 -9.81 32.36
C ASP A 286 18.07 -8.44 33.05
N ARG A 287 18.03 -8.43 34.38
CA ARG A 287 18.03 -7.18 35.14
C ARG A 287 19.26 -6.28 34.91
N LEU A 288 20.45 -6.88 34.72
CA LEU A 288 21.65 -6.09 34.39
C LEU A 288 21.63 -5.45 33.00
N GLY A 289 21.00 -6.11 32.02
CA GLY A 289 20.86 -5.55 30.68
C GLY A 289 20.01 -4.30 30.71
N GLU A 290 18.89 -4.41 31.43
CA GLU A 290 17.99 -3.31 31.78
C GLU A 290 18.72 -2.15 32.45
N GLU A 291 19.35 -2.46 33.58
CA GLU A 291 20.17 -1.53 34.36
C GLU A 291 21.24 -0.79 33.53
N ILE A 292 21.80 -1.47 32.50
CA ILE A 292 22.84 -0.87 31.65
C ILE A 292 22.24 0.10 30.63
N ALA A 293 21.22 -0.38 29.93
CA ALA A 293 20.47 0.44 29.00
C ALA A 293 19.90 1.63 29.74
N TYR A 294 19.39 1.43 30.96
CA TYR A 294 18.78 2.55 31.65
C TYR A 294 19.79 3.64 31.96
N GLU A 295 21.01 3.25 32.31
CA GLU A 295 22.07 4.22 32.52
C GLU A 295 22.38 4.92 31.21
N MET A 296 22.13 4.24 30.10
CA MET A 296 22.48 4.77 28.79
C MET A 296 21.29 5.30 27.98
N GLY A 297 20.09 5.27 28.57
CA GLY A 297 18.95 5.99 27.99
C GLY A 297 19.40 7.44 27.94
N GLY A 298 19.38 8.01 26.73
CA GLY A 298 20.08 9.28 26.51
C GLY A 298 20.98 9.11 25.30
N ALA A 299 21.61 7.95 25.22
CA ALA A 299 22.33 7.55 24.01
C ALA A 299 21.47 6.66 23.09
N PHE A 300 20.66 5.81 23.68
CA PHE A 300 19.94 4.83 22.92
C PHE A 300 18.54 5.28 22.68
N SER A 301 18.04 5.06 21.48
CA SER A 301 16.67 5.37 21.20
C SER A 301 15.81 4.38 21.96
N SER A 302 16.31 3.16 22.10
CA SER A 302 15.51 2.01 22.58
C SER A 302 16.36 0.80 22.94
N ALA A 303 15.75 -0.14 23.66
CA ALA A 303 16.39 -1.43 23.92
C ALA A 303 15.51 -2.69 23.64
N LEU A 304 16.15 -3.81 23.36
CA LEU A 304 15.40 -5.06 23.36
C LEU A 304 16.02 -6.17 24.21
N ILE A 305 15.64 -6.17 25.50
CA ILE A 305 16.25 -6.98 26.55
C ILE A 305 15.64 -8.36 26.71
N LYS A 306 16.49 -9.38 26.88
CA LYS A 306 16.03 -10.76 27.06
C LYS A 306 15.15 -10.84 28.32
N HIS A 307 14.06 -11.61 28.27
CA HIS A 307 13.19 -11.67 29.43
C HIS A 307 12.69 -13.07 29.74
N ARG A 308 13.52 -13.84 30.42
CA ARG A 308 13.13 -15.16 30.91
C ARG A 308 12.34 -15.07 32.23
N ILE A 309 11.13 -15.60 32.16
CA ILE A 309 10.21 -15.74 33.29
C ILE A 309 10.68 -16.73 34.37
N PRO A 310 10.69 -16.29 35.64
CA PRO A 310 11.10 -17.22 36.70
C PRO A 310 9.98 -18.15 37.15
N ASN A 311 10.34 -19.32 37.68
CA ASN A 311 9.36 -20.24 38.26
C ASN A 311 9.24 -19.92 39.73
N SER A 312 10.36 -19.50 40.30
CA SER A 312 10.49 -19.32 41.73
C SER A 312 9.68 -18.14 42.22
N LYS A 313 9.55 -17.11 41.38
CA LYS A 313 8.88 -15.86 41.76
C LYS A 313 7.44 -15.77 41.25
N ASP A 314 6.52 -15.40 42.14
CA ASP A 314 5.10 -15.23 41.82
C ASP A 314 4.73 -13.85 41.23
N GLU A 315 5.57 -12.86 41.53
CA GLU A 315 5.46 -11.48 41.04
C GLU A 315 6.77 -10.75 41.35
N TYR A 316 7.20 -9.87 40.45
CA TYR A 316 8.54 -9.30 40.53
C TYR A 316 8.58 -7.96 39.80
N HIS A 317 9.77 -7.34 39.77
CA HIS A 317 9.92 -6.08 39.03
C HIS A 317 10.95 -6.08 37.91
N CYS A 318 10.84 -5.04 37.07
CA CYS A 318 11.84 -4.72 36.08
C CYS A 318 11.64 -3.29 35.60
N ILE A 319 12.61 -2.81 34.84
CA ILE A 319 12.52 -1.56 34.13
C ILE A 319 12.04 -1.90 32.72
N SER A 320 10.83 -1.47 32.36
CA SER A 320 10.27 -1.78 31.02
C SER A 320 9.33 -0.71 30.50
N THR A 321 9.22 -0.67 29.16
CA THR A 321 8.10 0.00 28.46
C THR A 321 7.03 -1.05 28.11
N TYR A 322 7.40 -1.99 27.24
CA TYR A 322 6.54 -3.12 26.89
C TYR A 322 7.19 -4.46 27.19
N LEU A 323 6.34 -5.45 27.42
CA LEU A 323 6.77 -6.85 27.45
C LEU A 323 5.89 -7.69 26.55
N PHE A 324 6.46 -8.17 25.45
CA PHE A 324 5.71 -8.99 24.52
C PHE A 324 6.33 -10.34 24.23
N PRO A 325 5.53 -11.25 23.64
CA PRO A 325 5.93 -12.61 23.30
C PRO A 325 6.84 -12.58 22.08
N GLN A 326 7.28 -13.72 21.58
CA GLN A 326 8.26 -13.74 20.50
C GLN A 326 7.78 -14.65 19.43
N PRO A 327 7.68 -14.14 18.18
CA PRO A 327 7.24 -14.96 17.05
C PRO A 327 8.30 -16.00 16.74
N GLY A 328 7.89 -17.11 16.13
CA GLY A 328 8.81 -18.17 15.72
C GLY A 328 9.29 -18.98 16.91
N ALA A 329 8.96 -18.53 18.12
CA ALA A 329 9.35 -19.17 19.38
C ALA A 329 8.65 -20.50 19.62
N ASP A 330 9.41 -21.46 20.15
CA ASP A 330 8.84 -22.71 20.60
C ASP A 330 7.71 -22.51 21.61
N ALA A 331 6.85 -23.53 21.68
CA ALA A 331 5.66 -23.50 22.52
C ALA A 331 6.01 -23.61 24.00
N ASP A 332 7.06 -24.34 24.31
CA ASP A 332 7.54 -24.47 25.69
C ASP A 332 8.55 -23.40 26.08
N MET A 333 8.90 -22.52 25.14
CA MET A 333 9.89 -21.47 25.37
C MET A 333 9.25 -20.46 26.26
N TYR A 334 9.69 -20.39 27.52
CA TYR A 334 9.07 -19.46 28.51
C TYR A 334 9.83 -18.14 28.76
N GLU A 335 10.03 -17.42 27.66
CA GLU A 335 10.86 -16.23 27.54
C GLU A 335 10.15 -15.13 26.70
N LEU A 336 9.94 -13.99 27.31
CA LEU A 336 9.37 -12.86 26.60
C LEU A 336 10.51 -11.94 26.16
N ARG A 337 10.20 -10.96 25.30
CA ARG A 337 11.14 -9.88 25.06
C ARG A 337 10.67 -8.54 25.64
N ASN A 338 11.62 -7.82 26.21
CA ASN A 338 11.38 -6.59 26.93
C ASN A 338 11.74 -5.47 26.01
N PHE A 339 10.84 -4.50 25.94
CA PHE A 339 11.11 -3.31 25.17
C PHE A 339 11.16 -2.13 26.11
N MET A 340 12.25 -1.40 25.99
CA MET A 340 12.41 -0.12 26.64
C MET A 340 12.52 0.92 25.56
N ARG A 341 11.60 1.86 25.59
CA ARG A 341 11.75 3.05 24.79
C ARG A 341 12.53 4.01 25.67
N LEU A 342 13.46 4.72 25.07
CA LEU A 342 14.33 5.58 25.81
C LEU A 342 14.35 6.98 25.18
N ARG A 343 14.99 7.94 25.83
CA ARG A 343 15.32 9.18 25.13
C ARG A 343 16.72 9.02 24.54
N GLY A 344 16.96 9.67 23.40
CA GLY A 344 18.14 9.46 22.55
C GLY A 344 17.65 9.82 21.17
N TYR A 345 18.53 10.17 20.22
CA TYR A 345 18.05 10.63 18.91
C TYR A 345 17.31 9.52 18.13
N SER A 346 16.29 9.92 17.38
CA SER A 346 15.45 8.96 16.67
C SER A 346 14.97 9.61 15.40
N HIS A 347 14.66 8.79 14.40
CA HIS A 347 14.05 9.30 13.19
C HIS A 347 12.55 9.04 13.28
N VAL A 348 12.15 8.24 14.26
CA VAL A 348 10.74 7.98 14.57
C VAL A 348 10.43 8.56 15.95
N ASP A 349 9.50 9.52 15.99
CA ASP A 349 8.98 10.06 17.26
C ASP A 349 8.24 8.92 17.91
N ARG A 350 8.79 8.40 18.99
CA ARG A 350 8.17 7.24 19.61
C ARG A 350 7.51 7.59 20.94
N HIS A 351 7.23 8.86 21.19
CA HIS A 351 6.87 9.26 22.57
C HIS A 351 5.54 8.73 23.06
N MET A 352 4.70 8.28 22.14
CA MET A 352 3.47 7.58 22.50
C MET A 352 3.71 6.31 23.33
N HIS A 353 4.85 5.66 23.10
CA HIS A 353 5.25 4.48 23.85
C HIS A 353 5.96 4.98 25.08
N PRO A 354 5.33 4.80 26.27
CA PRO A 354 5.83 5.33 27.55
C PRO A 354 7.32 5.14 27.76
N ASP A 355 7.93 6.11 28.44
CA ASP A 355 9.33 6.05 28.88
C ASP A 355 9.51 4.77 29.69
N ALA A 356 10.63 4.05 29.56
CA ALA A 356 10.85 2.85 30.40
C ALA A 356 10.89 3.20 31.87
N SER A 357 10.14 2.42 32.65
CA SER A 357 9.91 2.69 34.08
C SER A 357 9.79 1.37 34.84
N VAL A 358 9.86 1.39 36.17
CA VAL A 358 9.70 0.16 36.97
C VAL A 358 8.32 -0.50 36.76
N THR A 359 8.31 -1.80 36.51
CA THR A 359 7.07 -2.50 36.22
C THR A 359 6.91 -3.71 37.13
N LYS A 360 5.78 -3.77 37.84
CA LYS A 360 5.44 -4.96 38.63
C LYS A 360 4.74 -6.00 37.74
N VAL A 361 5.42 -7.12 37.48
CA VAL A 361 4.84 -8.19 36.65
C VAL A 361 4.39 -9.42 37.45
N VAL A 362 3.24 -9.95 37.05
CA VAL A 362 2.68 -11.16 37.60
C VAL A 362 3.05 -12.30 36.69
N SER A 363 3.82 -13.25 37.23
CA SER A 363 4.26 -14.38 36.47
C SER A 363 3.10 -15.07 35.78
N ARG A 364 2.11 -15.53 36.56
CA ARG A 364 0.95 -16.25 35.99
C ARG A 364 0.37 -15.68 34.69
N ASP A 365 0.37 -14.34 34.58
CA ASP A 365 -0.18 -13.64 33.41
C ASP A 365 0.85 -13.55 32.27
N VAL A 366 2.10 -13.30 32.65
CA VAL A 366 3.23 -13.37 31.74
C VAL A 366 3.32 -14.82 31.23
N ARG A 367 2.91 -15.72 32.11
CA ARG A 367 2.96 -17.13 31.87
C ARG A 367 1.86 -17.49 30.89
N LYS A 368 0.78 -16.71 30.93
CA LYS A 368 -0.34 -16.90 30.02
C LYS A 368 0.02 -16.46 28.62
N MET A 369 0.83 -15.42 28.52
CA MET A 369 1.14 -14.86 27.22
C MET A 369 1.75 -15.93 26.33
N VAL A 370 2.85 -16.49 26.83
CA VAL A 370 3.51 -17.62 26.23
C VAL A 370 2.54 -18.70 25.76
N GLU A 371 1.67 -19.13 26.67
CA GLU A 371 0.67 -20.18 26.41
C GLU A 371 -0.22 -19.88 25.19
N LEU A 372 -0.70 -18.66 25.10
CA LEU A 372 -1.55 -18.23 24.01
C LEU A 372 -0.83 -17.97 22.68
N TYR A 373 0.33 -17.31 22.72
CA TYR A 373 0.89 -16.73 21.51
C TYR A 373 2.15 -17.43 20.94
N HIS A 374 2.83 -18.18 21.79
CA HIS A 374 4.00 -18.91 21.37
C HIS A 374 3.63 -20.22 20.65
N GLY A 375 4.51 -20.65 19.75
CA GLY A 375 4.28 -21.84 18.95
C GLY A 375 5.21 -21.74 17.77
N ARG A 376 5.85 -22.85 17.44
CA ARG A 376 6.77 -22.90 16.32
C ARG A 376 5.98 -23.16 15.05
N ASP A 377 4.67 -22.88 15.10
CA ASP A 377 3.89 -22.69 13.88
C ASP A 377 2.94 -21.50 14.07
N ARG A 378 3.50 -20.47 14.67
CA ARG A 378 2.79 -19.23 14.97
C ARG A 378 3.78 -18.08 15.03
N GLY A 379 3.36 -16.91 14.54
CA GLY A 379 4.13 -15.69 14.69
C GLY A 379 4.15 -14.72 13.54
N ARG A 380 3.89 -15.23 12.34
CA ARG A 380 3.86 -14.38 11.15
C ARG A 380 3.14 -13.04 11.39
N PHE A 381 1.92 -13.08 11.93
CA PHE A 381 1.15 -11.87 12.16
C PHE A 381 1.55 -11.13 13.42
N LEU A 382 1.94 -11.89 14.45
CA LEU A 382 2.52 -11.24 15.61
C LEU A 382 3.78 -10.41 15.22
N LYS A 383 4.62 -10.93 14.33
CA LYS A 383 5.82 -10.20 13.99
C LYS A 383 5.45 -8.87 13.33
N LYS A 384 4.55 -8.96 12.36
CA LYS A 384 3.97 -7.82 11.68
C LYS A 384 3.50 -6.81 12.72
N ARG A 385 2.55 -7.22 13.56
CA ARG A 385 1.99 -6.27 14.51
C ARG A 385 3.06 -5.58 15.33
N LEU A 386 4.04 -6.37 15.80
CA LEU A 386 5.11 -5.79 16.59
C LEU A 386 5.85 -4.74 15.73
N PHE A 387 6.14 -5.11 14.49
CA PHE A 387 6.86 -4.22 13.61
C PHE A 387 6.19 -2.88 13.47
N GLU A 388 4.88 -2.89 13.23
CA GLU A 388 4.11 -1.65 13.06
C GLU A 388 4.02 -0.91 14.40
N HIS A 389 3.59 -1.60 15.43
CA HIS A 389 3.41 -0.93 16.71
C HIS A 389 4.64 -0.17 17.11
N LEU A 390 5.80 -0.78 16.94
CA LEU A 390 7.03 -0.19 17.40
C LEU A 390 7.40 1.08 16.63
N HIS A 391 7.24 1.00 15.29
CA HIS A 391 7.85 1.93 14.35
C HIS A 391 6.90 2.86 13.58
N ILE A 392 5.58 2.75 13.78
CA ILE A 392 4.63 3.67 13.18
C ILE A 392 4.08 4.60 14.27
N VAL A 393 4.05 5.90 13.98
CA VAL A 393 3.46 6.83 14.91
C VAL A 393 1.93 6.66 14.91
N ARG A 394 1.33 6.62 16.09
CA ARG A 394 -0.08 6.33 16.20
C ARG A 394 -0.97 7.58 16.04
N LYS A 395 -1.09 8.09 14.81
CA LYS A 395 -1.92 9.28 14.54
C LYS A 395 -3.06 8.99 13.54
N ASN A 396 -4.20 9.62 13.79
CA ASN A 396 -5.44 9.41 13.03
C ASN A 396 -5.56 10.35 11.86
N GLY A 397 -5.61 9.79 10.66
CA GLY A 397 -5.50 10.57 9.40
C GLY A 397 -6.37 11.81 9.36
N LEU A 398 -7.66 11.60 9.57
CA LEU A 398 -8.71 12.61 9.43
C LEU A 398 -8.54 13.77 10.37
N LEU A 399 -7.90 13.51 11.50
CA LEU A 399 -7.78 14.52 12.56
C LEU A 399 -6.43 15.22 12.50
N HIS A 400 -5.50 14.61 11.76
CA HIS A 400 -4.16 15.14 11.69
C HIS A 400 -4.04 16.28 10.73
N GLU A 401 -3.49 17.38 11.24
CA GLU A 401 -3.16 18.57 10.44
C GLU A 401 -1.66 18.65 10.28
N SER A 402 -1.23 18.89 9.04
CA SER A 402 0.15 18.65 8.60
C SER A 402 0.84 19.88 8.01
N ASP A 403 2.09 20.10 8.38
CA ASP A 403 2.84 21.22 7.82
C ASP A 403 3.55 20.80 6.53
N GLU A 404 3.61 19.49 6.30
CA GLU A 404 4.38 18.94 5.20
C GLU A 404 3.43 18.21 4.26
N PRO A 405 3.88 17.97 3.01
CA PRO A 405 3.04 17.27 2.04
C PRO A 405 2.75 15.85 2.51
N ARG A 406 1.55 15.37 2.22
CA ARG A 406 1.02 14.19 2.90
C ARG A 406 0.39 13.23 1.90
N ALA A 407 0.60 11.94 2.12
CA ALA A 407 0.05 10.88 1.25
C ALA A 407 -0.98 10.08 2.04
N ASP A 408 -2.04 9.63 1.38
CA ASP A 408 -3.15 9.11 2.16
C ASP A 408 -3.75 7.87 1.52
N LEU A 409 -2.95 6.83 1.42
CA LEU A 409 -3.31 5.72 0.57
C LEU A 409 -3.99 4.62 1.34
N PHE A 410 -5.06 4.08 0.73
CA PHE A 410 -5.69 2.78 1.10
C PHE A 410 -6.01 2.68 2.56
N TYR A 411 -6.83 3.60 3.04
CA TYR A 411 -7.35 3.54 4.39
C TYR A 411 -8.59 4.37 4.47
N LEU A 412 -8.72 5.31 3.54
CA LEU A 412 -9.64 6.41 3.76
C LEU A 412 -11.03 5.88 3.94
N THR A 413 -11.38 4.93 3.07
CA THR A 413 -12.74 4.44 3.00
C THR A 413 -12.93 3.13 3.74
N ASN A 414 -12.19 2.92 4.81
CA ASN A 414 -12.34 1.72 5.64
C ASN A 414 -13.65 1.81 6.42
N ARG A 415 -14.19 0.67 6.85
CA ARG A 415 -15.47 0.70 7.52
C ARG A 415 -15.37 1.61 8.75
N CYS A 416 -14.22 1.62 9.41
CA CYS A 416 -14.00 2.45 10.61
C CYS A 416 -14.46 3.91 10.45
N ASN A 417 -14.52 4.36 9.20
CA ASN A 417 -14.62 5.77 8.81
C ASN A 417 -16.00 6.21 8.38
N MET A 418 -16.92 5.26 8.34
CA MET A 418 -18.24 5.46 7.77
C MET A 418 -19.01 6.58 8.46
N GLY A 419 -19.68 7.40 7.64
CA GLY A 419 -20.35 8.60 8.11
C GLY A 419 -19.46 9.84 8.22
N LEU A 420 -18.16 9.68 7.96
CA LEU A 420 -17.21 10.77 8.08
C LEU A 420 -16.67 11.17 6.70
N GLU A 421 -17.54 11.15 5.69
CA GLU A 421 -17.18 11.61 4.34
C GLU A 421 -16.66 13.06 4.30
N PRO A 422 -17.40 14.00 4.88
CA PRO A 422 -16.81 15.33 4.97
C PRO A 422 -15.29 15.30 5.25
N SER A 423 -14.86 14.68 6.36
CA SER A 423 -13.45 14.72 6.74
C SER A 423 -12.58 14.13 5.65
N ILE A 424 -13.13 13.14 4.94
CA ILE A 424 -12.49 12.52 3.78
C ILE A 424 -12.22 13.49 2.66
N TYR A 425 -13.27 14.00 2.03
CA TYR A 425 -13.11 14.97 0.95
C TYR A 425 -12.05 16.01 1.32
N GLU A 426 -12.12 16.48 2.56
CA GLU A 426 -11.20 17.46 3.07
C GLU A 426 -9.78 17.04 2.86
N VAL A 427 -9.52 15.74 3.06
CA VAL A 427 -8.19 15.19 2.86
C VAL A 427 -7.83 15.20 1.38
N MET A 428 -8.75 14.72 0.56
CA MET A 428 -8.50 14.66 -0.86
C MET A 428 -8.50 16.06 -1.50
N LYS A 429 -8.75 17.10 -0.71
CA LYS A 429 -8.58 18.45 -1.22
C LYS A 429 -7.09 18.83 -1.24
N LYS A 430 -6.33 18.29 -0.30
CA LYS A 430 -4.99 18.80 -0.06
C LYS A 430 -3.95 17.70 0.10
N SER A 431 -4.30 16.49 -0.32
CA SER A 431 -3.37 15.38 -0.23
C SER A 431 -2.55 15.35 -1.50
N VAL A 432 -1.32 14.89 -1.41
CA VAL A 432 -0.48 14.69 -2.60
C VAL A 432 -1.14 13.62 -3.43
N ILE A 433 -1.49 12.52 -2.78
CA ILE A 433 -2.16 11.38 -3.43
C ILE A 433 -2.96 10.63 -2.38
N ALA A 434 -4.23 10.44 -2.65
CA ALA A 434 -4.98 9.57 -1.77
C ALA A 434 -5.94 8.73 -2.61
N THR A 435 -6.68 7.81 -1.99
CA THR A 435 -7.60 6.94 -2.74
C THR A 435 -8.90 6.60 -2.02
N ALA A 436 -9.96 6.41 -2.80
CA ALA A 436 -11.30 6.14 -2.28
C ALA A 436 -12.00 4.96 -2.98
N TRP A 437 -12.34 3.94 -2.20
CA TRP A 437 -13.05 2.82 -2.76
C TRP A 437 -14.37 3.29 -3.35
N VAL A 438 -14.61 3.01 -4.63
CA VAL A 438 -15.85 3.40 -5.27
C VAL A 438 -16.61 2.21 -5.80
N GLY A 439 -15.97 1.03 -5.72
CA GLY A 439 -16.55 -0.22 -6.24
C GLY A 439 -17.87 -0.59 -5.60
N ARG A 440 -18.83 -0.97 -6.45
CA ARG A 440 -20.21 -1.27 -6.04
C ARG A 440 -20.54 -2.74 -6.10
N ALA A 441 -19.57 -3.56 -6.50
CA ALA A 441 -19.82 -5.01 -6.62
C ALA A 441 -19.65 -5.71 -5.24
N PRO A 442 -19.65 -7.07 -5.20
CA PRO A 442 -20.12 -7.86 -4.03
C PRO A 442 -19.47 -7.88 -2.60
N LEU A 443 -18.25 -7.38 -2.31
CA LEU A 443 -17.07 -7.33 -3.15
C LEU A 443 -15.98 -7.73 -2.15
N TYR A 444 -15.33 -8.84 -2.46
CA TYR A 444 -14.67 -9.72 -1.48
C TYR A 444 -13.20 -9.37 -1.23
N ASP A 445 -12.66 -9.91 -0.14
CA ASP A 445 -11.29 -9.65 0.34
C ASP A 445 -11.03 -8.18 0.69
N TYR A 446 -12.08 -7.38 0.60
CA TYR A 446 -11.97 -5.98 0.91
C TYR A 446 -13.16 -5.47 1.71
N ASP A 447 -12.84 -4.64 2.70
CA ASP A 447 -13.80 -4.19 3.68
C ASP A 447 -13.86 -2.66 3.78
N ASP A 448 -13.83 -2.00 2.63
CA ASP A 448 -14.14 -0.56 2.53
C ASP A 448 -15.59 -0.38 2.08
N PHE A 449 -16.11 0.84 2.18
CA PHE A 449 -17.38 1.19 1.59
C PHE A 449 -17.13 2.14 0.40
N ALA A 450 -18.13 2.24 -0.48
CA ALA A 450 -17.95 3.01 -1.69
C ALA A 450 -18.46 4.46 -1.57
N LEU A 451 -17.70 5.40 -2.10
CA LEU A 451 -18.20 6.74 -2.26
C LEU A 451 -18.88 6.86 -3.60
N PRO A 452 -20.09 7.42 -3.62
CA PRO A 452 -20.80 7.59 -4.90
C PRO A 452 -19.87 8.27 -5.87
N ARG A 453 -19.87 7.85 -7.14
CA ARG A 453 -18.87 8.38 -8.10
C ARG A 453 -19.06 9.84 -8.48
N SER A 454 -20.28 10.20 -8.86
CA SER A 454 -20.65 11.59 -9.02
C SER A 454 -20.07 12.44 -7.87
N THR A 455 -20.44 12.13 -6.64
CA THR A 455 -20.02 12.95 -5.49
C THR A 455 -18.52 13.09 -5.44
N VAL A 456 -17.81 11.99 -5.70
CA VAL A 456 -16.37 12.07 -5.79
C VAL A 456 -15.98 13.03 -6.89
N MET A 457 -16.45 12.78 -8.11
CA MET A 457 -16.11 13.58 -9.29
C MET A 457 -16.30 15.06 -9.07
N LEU A 458 -17.51 15.38 -8.63
CA LEU A 458 -17.93 16.72 -8.28
C LEU A 458 -17.20 17.35 -7.07
N ASN A 459 -16.94 16.56 -6.02
CA ASN A 459 -16.29 17.12 -4.83
C ASN A 459 -14.80 17.30 -5.01
N GLY A 460 -14.18 16.40 -5.78
CA GLY A 460 -12.74 16.20 -5.74
C GLY A 460 -11.89 17.03 -6.69
N SER A 461 -12.51 17.62 -7.71
CA SER A 461 -11.71 18.27 -8.74
C SER A 461 -11.47 19.73 -8.38
N TYR A 462 -10.26 20.03 -7.94
CA TYR A 462 -9.90 21.41 -7.60
C TYR A 462 -8.87 21.86 -8.60
N ARG A 463 -8.53 23.13 -8.60
CA ARG A 463 -7.49 23.62 -9.51
C ARG A 463 -6.32 22.63 -9.51
N ASP A 464 -5.68 22.51 -8.34
CA ASP A 464 -4.55 21.61 -8.14
C ASP A 464 -4.87 20.10 -8.04
N ILE A 465 -6.16 19.74 -8.06
CA ILE A 465 -6.47 18.33 -7.85
C ILE A 465 -7.15 17.64 -9.04
N ARG A 466 -6.51 16.52 -9.39
CA ARG A 466 -6.80 15.74 -10.55
C ARG A 466 -7.52 14.49 -10.04
N ILE A 467 -8.84 14.50 -10.10
CA ILE A 467 -9.66 13.37 -9.65
C ILE A 467 -9.81 12.31 -10.78
N LEU A 468 -9.07 11.19 -10.72
CA LEU A 468 -9.24 10.09 -11.69
C LEU A 468 -9.59 8.77 -11.04
N ASP A 469 -10.16 7.84 -11.80
CA ASP A 469 -10.26 6.45 -11.33
C ASP A 469 -8.92 5.72 -11.37
N GLY A 470 -8.75 4.71 -10.51
CA GLY A 470 -7.51 3.93 -10.45
C GLY A 470 -6.83 3.73 -11.80
N ASN A 471 -7.56 3.25 -12.79
CA ASN A 471 -6.93 2.98 -14.08
C ASN A 471 -6.44 4.26 -14.77
N GLY A 472 -7.33 5.22 -14.94
CA GLY A 472 -6.93 6.56 -15.40
C GLY A 472 -5.73 7.07 -14.62
N ALA A 473 -5.90 7.10 -13.30
CA ALA A 473 -4.85 7.41 -12.34
C ALA A 473 -3.50 6.86 -12.80
N ILE A 474 -3.43 5.54 -12.95
CA ILE A 474 -2.23 4.84 -13.45
C ILE A 474 -1.79 5.38 -14.81
N LEU A 475 -2.69 5.31 -15.79
CA LEU A 475 -2.38 5.75 -17.15
C LEU A 475 -1.69 7.10 -17.14
N PHE A 476 -2.09 7.94 -16.20
CA PHE A 476 -1.57 9.30 -16.12
C PHE A 476 -0.10 9.32 -15.68
N LEU A 477 0.26 8.47 -14.73
CA LEU A 477 1.64 8.44 -14.25
C LEU A 477 2.52 7.84 -15.32
N MET A 478 1.96 6.93 -16.11
CA MET A 478 2.70 6.39 -17.24
C MET A 478 3.07 7.55 -18.16
N TRP A 479 2.09 8.40 -18.43
CA TRP A 479 2.19 9.42 -19.46
C TRP A 479 3.08 10.60 -19.06
N ARG A 480 3.00 11.00 -17.80
CA ARG A 480 3.80 12.12 -17.28
C ARG A 480 5.05 11.65 -16.50
N TYR A 481 5.03 10.42 -15.98
CA TYR A 481 6.19 9.86 -15.25
C TYR A 481 6.60 8.44 -15.72
N PRO A 482 7.21 8.33 -16.92
CA PRO A 482 7.60 7.02 -17.50
C PRO A 482 8.51 6.18 -16.60
N ASP A 483 9.37 6.84 -15.82
CA ASP A 483 10.10 6.11 -14.81
C ASP A 483 9.73 6.57 -13.41
N ILE A 484 8.45 6.37 -13.12
CA ILE A 484 7.98 6.04 -11.78
C ILE A 484 7.03 4.89 -12.06
N VAL A 485 6.29 4.99 -13.16
CA VAL A 485 5.34 3.95 -13.53
C VAL A 485 5.69 3.48 -14.94
N LYS A 486 6.43 2.37 -15.03
CA LYS A 486 6.89 1.89 -16.31
C LYS A 486 5.69 1.62 -17.16
N LYS A 487 5.87 1.59 -18.47
CA LYS A 487 4.83 1.13 -19.37
C LYS A 487 4.48 -0.34 -19.14
N ASP A 488 5.48 -1.15 -18.83
CA ASP A 488 5.37 -2.60 -18.84
C ASP A 488 4.82 -3.19 -17.55
N LEU A 489 4.79 -2.38 -16.48
CA LEU A 489 4.13 -2.79 -15.24
C LEU A 489 2.94 -3.74 -15.47
N THR A 490 2.85 -4.79 -14.68
CA THR A 490 1.66 -5.64 -14.68
C THR A 490 0.64 -5.22 -13.61
N TYR A 491 -0.61 -5.01 -14.01
CA TYR A 491 -1.68 -4.65 -13.04
C TYR A 491 -3.08 -5.08 -13.50
N ASP A 492 -4.10 -4.80 -12.70
CA ASP A 492 -5.46 -5.22 -13.07
C ASP A 492 -6.42 -4.03 -13.23
N PRO A 493 -6.56 -3.51 -14.47
CA PRO A 493 -7.41 -2.35 -14.73
C PRO A 493 -8.79 -2.38 -14.07
N ALA A 494 -9.46 -3.53 -14.09
CA ALA A 494 -10.80 -3.64 -13.51
C ALA A 494 -10.76 -3.35 -12.00
N TRP A 495 -9.72 -3.84 -11.35
CA TRP A 495 -9.50 -3.58 -9.95
C TRP A 495 -9.05 -2.13 -9.72
N ALA A 496 -8.15 -1.67 -10.56
CA ALA A 496 -7.70 -0.30 -10.45
C ALA A 496 -8.95 0.54 -10.46
N MET A 497 -9.96 0.08 -11.18
CA MET A 497 -11.16 0.89 -11.41
C MET A 497 -12.17 0.89 -10.27
N ASN A 498 -11.80 0.22 -9.18
CA ASN A 498 -12.60 0.17 -7.97
C ASN A 498 -12.18 1.29 -7.02
N PHE A 499 -11.21 2.07 -7.46
CA PHE A 499 -10.76 3.18 -6.65
C PHE A 499 -10.92 4.51 -7.33
N ALA A 500 -11.09 5.54 -6.52
CA ALA A 500 -10.96 6.90 -6.99
C ALA A 500 -9.66 7.28 -6.38
N VAL A 501 -8.85 7.98 -7.17
CA VAL A 501 -7.50 8.38 -6.81
C VAL A 501 -7.43 9.86 -7.04
N SER A 502 -6.69 10.57 -6.19
CA SER A 502 -6.58 12.00 -6.35
C SER A 502 -5.15 12.43 -6.14
N LEU A 503 -4.65 13.26 -7.07
CA LEU A 503 -3.25 13.66 -7.11
C LEU A 503 -3.08 15.17 -7.22
N LYS A 504 -2.27 15.74 -6.32
CA LYS A 504 -1.87 17.14 -6.40
C LYS A 504 -0.98 17.31 -7.61
N GLU A 505 -1.64 17.50 -8.77
CA GLU A 505 -1.00 17.73 -10.08
C GLU A 505 -1.78 18.71 -10.98
N PRO A 506 -1.05 19.67 -11.57
CA PRO A 506 -1.61 20.61 -12.55
C PRO A 506 -2.36 19.95 -13.72
N ILE A 507 -3.28 20.71 -14.33
CA ILE A 507 -3.92 20.30 -15.56
C ILE A 507 -2.92 20.53 -16.69
N PRO A 508 -2.68 19.49 -17.52
CA PRO A 508 -1.87 19.60 -18.73
C PRO A 508 -2.08 20.88 -19.54
N ASP A 509 -0.94 21.42 -20.05
CA ASP A 509 -0.99 22.60 -20.89
C ASP A 509 -0.20 22.21 -22.17
N PRO A 510 -0.90 21.98 -23.30
CA PRO A 510 -2.35 22.15 -23.52
C PRO A 510 -3.14 20.92 -23.09
N PRO A 511 -4.32 21.13 -22.46
CA PRO A 511 -5.16 20.08 -21.84
C PRO A 511 -5.68 19.02 -22.80
N VAL A 512 -4.76 18.35 -23.52
CA VAL A 512 -5.10 17.31 -24.52
C VAL A 512 -5.97 16.16 -23.94
N PRO A 513 -6.93 15.60 -24.72
CA PRO A 513 -7.86 14.62 -24.16
C PRO A 513 -7.30 13.19 -23.96
N ASP A 514 -6.06 13.09 -23.45
CA ASP A 514 -5.33 11.82 -23.29
C ASP A 514 -6.16 10.75 -22.57
N ILE A 515 -5.93 9.48 -22.90
CA ILE A 515 -6.65 8.36 -22.28
C ILE A 515 -6.82 8.47 -20.76
N SER A 516 -5.75 8.84 -20.04
CA SER A 516 -5.85 8.98 -18.59
C SER A 516 -7.14 9.72 -18.22
N LEU A 517 -7.58 10.62 -19.12
CA LEU A 517 -8.81 11.36 -18.91
C LEU A 517 -9.98 10.68 -19.58
N CYS A 518 -9.89 10.55 -20.91
CA CYS A 518 -11.04 10.11 -21.69
C CYS A 518 -11.01 8.63 -22.09
N ARG A 519 -11.87 7.83 -21.45
CA ARG A 519 -12.04 6.40 -21.77
C ARG A 519 -13.52 6.05 -21.92
N PHE A 520 -14.31 6.31 -20.87
CA PHE A 520 -15.76 6.14 -20.90
C PHE A 520 -16.30 4.88 -21.58
N ILE A 521 -15.90 3.71 -21.08
CA ILE A 521 -16.31 2.45 -21.69
C ILE A 521 -17.79 2.10 -21.43
N GLY A 522 -18.47 1.62 -22.48
CA GLY A 522 -19.86 1.14 -22.44
C GLY A 522 -20.85 2.25 -22.15
N LEU A 523 -20.49 3.44 -22.58
CA LEU A 523 -21.23 4.62 -22.19
C LEU A 523 -22.57 4.56 -22.88
N ARG A 524 -22.60 3.89 -24.03
CA ARG A 524 -23.81 3.80 -24.78
C ARG A 524 -24.78 2.88 -24.08
N VAL A 525 -24.26 1.73 -23.64
CA VAL A 525 -25.02 0.82 -22.78
C VAL A 525 -25.46 1.58 -21.53
N GLU A 526 -24.51 2.25 -20.87
CA GLU A 526 -24.79 3.10 -19.72
C GLU A 526 -25.90 4.15 -19.90
N SER A 527 -25.98 4.73 -21.09
CA SER A 527 -26.98 5.74 -21.39
C SER A 527 -28.40 5.15 -21.53
N SER A 528 -28.54 4.08 -22.32
CA SER A 528 -29.84 3.39 -22.50
C SER A 528 -30.43 2.83 -21.20
N VAL A 529 -29.56 2.38 -20.31
CA VAL A 529 -29.98 1.97 -18.97
C VAL A 529 -30.56 3.15 -18.19
N LEU A 530 -29.83 4.25 -18.17
CA LEU A 530 -30.35 5.43 -17.53
C LEU A 530 -31.82 5.61 -17.91
N ARG A 531 -32.10 5.41 -19.18
CA ARG A 531 -33.32 5.88 -19.78
C ARG A 531 -34.50 4.87 -19.69
N VAL A 532 -34.17 3.58 -19.56
CA VAL A 532 -35.21 2.58 -19.33
C VAL A 532 -35.65 2.53 -17.87
N ARG A 533 -34.79 3.02 -16.97
CA ARG A 533 -35.06 2.92 -15.53
C ARG A 533 -35.43 4.20 -14.82
N ASN A 534 -34.75 5.29 -15.16
CA ASN A 534 -34.99 6.58 -14.55
C ASN A 534 -34.65 7.70 -15.56
N PRO A 535 -35.54 7.92 -16.54
CA PRO A 535 -35.33 8.80 -17.69
C PRO A 535 -35.37 10.29 -17.31
N THR A 536 -35.29 11.17 -18.31
CA THR A 536 -35.42 12.61 -18.09
C THR A 536 -36.39 13.23 -19.12
N ASP A 550 -24.24 15.90 -28.98
CA ASP A 550 -24.71 15.15 -27.82
C ASP A 550 -23.72 15.24 -26.67
N LEU A 551 -22.91 16.29 -26.70
CA LEU A 551 -21.91 16.54 -25.67
C LEU A 551 -22.57 16.92 -24.33
N SER A 552 -23.83 17.35 -24.39
CA SER A 552 -24.63 17.66 -23.19
C SER A 552 -25.13 16.38 -22.51
N GLY A 553 -25.92 15.60 -23.25
CA GLY A 553 -26.39 14.29 -22.81
C GLY A 553 -25.23 13.44 -22.33
N HIS A 554 -24.08 13.60 -22.99
CA HIS A 554 -22.86 12.89 -22.62
C HIS A 554 -22.39 13.19 -21.20
N LEU A 555 -22.34 14.47 -20.83
CA LEU A 555 -21.82 14.86 -19.51
C LEU A 555 -22.76 14.40 -18.40
N TYR A 556 -24.05 14.64 -18.62
CA TYR A 556 -25.12 14.17 -17.76
C TYR A 556 -24.98 12.67 -17.51
N VAL A 557 -24.96 11.87 -18.57
CA VAL A 557 -24.91 10.43 -18.42
C VAL A 557 -23.81 10.08 -17.45
N THR A 558 -22.60 10.57 -17.68
CA THR A 558 -21.45 10.07 -16.93
C THR A 558 -21.61 10.36 -15.44
N LEU A 559 -22.25 11.47 -15.10
CA LEU A 559 -22.65 11.73 -13.72
C LEU A 559 -23.75 10.79 -13.19
N MET A 560 -24.87 10.72 -13.89
CA MET A 560 -26.00 9.95 -13.44
C MET A 560 -25.63 8.47 -13.23
N SER A 561 -24.89 7.87 -14.17
CA SER A 561 -24.43 6.46 -14.05
C SER A 561 -23.64 6.10 -12.79
N GLY A 562 -22.82 7.05 -12.31
CA GLY A 562 -21.96 6.80 -11.16
C GLY A 562 -21.10 5.60 -11.42
N ALA A 563 -20.91 5.33 -12.71
CA ALA A 563 -20.11 4.22 -13.22
C ALA A 563 -18.76 4.72 -13.73
N TYR A 564 -18.46 6.01 -13.55
CA TYR A 564 -17.13 6.55 -13.90
C TYR A 564 -16.69 7.69 -13.01
N VAL A 565 -15.41 7.67 -12.66
CA VAL A 565 -14.70 8.80 -12.08
C VAL A 565 -13.74 9.31 -13.14
N THR A 566 -13.90 10.58 -13.54
CA THR A 566 -12.87 11.32 -14.28
C THR A 566 -12.84 12.76 -13.81
N ASP A 567 -11.92 13.54 -14.36
CA ASP A 567 -11.61 14.84 -13.81
C ASP A 567 -12.33 16.00 -14.49
N LEU A 568 -13.54 16.28 -13.99
CA LEU A 568 -14.33 17.44 -14.44
C LEU A 568 -13.53 18.65 -14.93
N PHE A 569 -12.67 19.18 -14.06
CA PHE A 569 -11.91 20.41 -14.36
C PHE A 569 -11.12 20.32 -15.67
N TRP A 570 -10.12 19.44 -15.70
CA TRP A 570 -9.32 19.20 -16.89
C TRP A 570 -10.22 18.87 -18.09
N TRP A 571 -11.19 18.00 -17.88
CA TRP A 571 -12.14 17.70 -18.91
C TRP A 571 -12.78 18.97 -19.44
N PHE A 572 -13.42 19.74 -18.57
CA PHE A 572 -13.97 21.04 -19.02
C PHE A 572 -12.95 21.82 -19.83
N LYS A 573 -11.74 22.02 -19.30
CA LYS A 573 -10.75 22.86 -19.97
C LYS A 573 -10.36 22.36 -21.36
N MET A 574 -10.41 21.05 -21.60
CA MET A 574 -10.15 20.56 -22.96
C MET A 574 -11.34 20.77 -23.89
N ILE A 575 -12.56 20.60 -23.34
CA ILE A 575 -13.78 20.85 -24.14
C ILE A 575 -13.87 22.26 -24.76
N LEU A 576 -13.61 23.30 -23.96
CA LEU A 576 -13.79 24.68 -24.41
C LEU A 576 -12.48 25.28 -24.95
N ASP A 577 -11.53 25.48 -24.05
CA ASP A 577 -10.19 25.98 -24.37
C ASP A 577 -9.45 25.14 -25.42
N TRP A 578 -10.08 24.09 -25.94
CA TRP A 578 -9.33 23.16 -26.80
C TRP A 578 -10.02 22.51 -28.01
N SER A 579 -11.22 21.93 -27.84
CA SER A 579 -11.85 21.19 -28.96
C SER A 579 -13.21 21.76 -29.43
N ALA A 580 -13.23 22.56 -30.49
CA ALA A 580 -12.06 23.03 -31.24
C ALA A 580 -11.53 24.29 -30.51
N GLN A 581 -10.40 24.94 -30.87
CA GLN A 581 -9.34 24.62 -31.87
C GLN A 581 -9.61 23.88 -33.17
N ASN A 582 -8.61 23.16 -33.69
CA ASN A 582 -8.65 22.76 -35.10
C ASN A 582 -8.20 21.34 -35.41
N ARG A 583 -8.83 20.75 -36.42
CA ARG A 583 -8.38 19.50 -37.03
C ARG A 583 -6.86 19.50 -37.19
N GLU A 584 -6.34 20.57 -37.80
CA GLU A 584 -4.90 20.76 -37.99
C GLU A 584 -4.19 21.05 -36.65
N GLN A 585 -4.40 22.27 -36.13
CA GLN A 585 -3.64 22.84 -35.01
C GLN A 585 -3.94 22.23 -33.64
N LYS A 586 -4.56 21.05 -33.63
CA LYS A 586 -4.76 20.31 -32.37
C LYS A 586 -4.23 18.88 -32.38
N LEU A 587 -3.22 18.59 -33.23
CA LEU A 587 -2.62 17.25 -33.24
C LEU A 587 -1.27 16.93 -33.92
N ARG A 588 -0.34 17.86 -34.17
CA ARG A 588 -0.04 19.05 -33.38
C ARG A 588 0.03 18.78 -31.90
N ASP A 589 -0.69 19.57 -31.10
CA ASP A 589 -0.38 19.60 -29.66
C ASP A 589 -0.56 18.28 -28.90
N LEU A 590 -0.87 17.23 -29.65
CA LEU A 590 -1.01 15.89 -29.14
C LEU A 590 0.33 15.15 -29.12
N LYS A 591 1.24 15.55 -30.01
CA LYS A 591 2.29 14.65 -30.51
C LYS A 591 3.61 14.32 -29.75
N ARG A 592 4.47 15.24 -29.26
CA ARG A 592 4.27 16.62 -28.70
C ARG A 592 3.84 16.56 -27.21
N SER A 593 2.57 16.31 -26.95
CA SER A 593 2.13 15.96 -25.59
C SER A 593 2.47 14.50 -25.30
N ALA A 594 2.97 13.82 -26.33
CA ALA A 594 3.24 12.38 -26.28
C ALA A 594 2.00 11.62 -25.79
N ALA A 595 0.83 12.19 -26.04
CA ALA A 595 -0.43 11.66 -25.55
C ALA A 595 -1.09 10.79 -26.60
N GLU A 596 -2.05 9.97 -26.15
CA GLU A 596 -2.90 9.19 -27.06
C GLU A 596 -4.31 9.06 -26.51
N VAL A 597 -5.22 8.55 -27.35
CA VAL A 597 -6.67 8.68 -27.14
C VAL A 597 -7.47 7.39 -27.51
N ILE A 598 -8.80 7.38 -27.35
CA ILE A 598 -9.64 6.29 -27.96
C ILE A 598 -10.89 6.69 -28.76
N GLU A 599 -11.20 7.97 -28.88
CA GLU A 599 -12.44 8.36 -29.58
C GLU A 599 -12.22 9.55 -30.49
N TRP A 600 -12.44 9.31 -31.77
CA TRP A 600 -12.13 10.30 -32.79
C TRP A 600 -13.39 10.61 -33.61
N VAL A 611 -21.40 25.91 -26.97
CA VAL A 611 -21.09 24.63 -26.30
C VAL A 611 -21.06 24.78 -24.77
N ARG A 612 -20.62 25.94 -24.29
CA ARG A 612 -20.61 26.31 -22.87
C ARG A 612 -21.95 26.12 -22.17
N ASN A 613 -23.02 26.14 -22.96
CA ASN A 613 -24.39 26.16 -22.48
C ASN A 613 -25.02 24.78 -22.28
N ASP A 614 -24.58 23.82 -23.10
CA ASP A 614 -25.09 22.47 -23.02
C ASP A 614 -24.79 21.94 -21.62
N LEU A 615 -23.58 22.25 -21.17
CA LEU A 615 -23.08 21.78 -19.90
C LEU A 615 -23.83 22.40 -18.71
N ILE A 616 -24.10 23.71 -18.77
CA ILE A 616 -24.82 24.34 -17.66
C ILE A 616 -26.16 23.62 -17.51
N ALA A 617 -26.79 23.33 -18.64
CA ALA A 617 -28.05 22.60 -18.69
C ALA A 617 -27.82 21.22 -18.10
N ALA A 618 -26.68 20.63 -18.43
CA ALA A 618 -26.37 19.29 -17.98
C ALA A 618 -26.37 19.23 -16.46
N LEU A 619 -25.56 20.11 -15.85
CA LEU A 619 -25.50 20.22 -14.40
C LEU A 619 -26.86 20.35 -13.79
N ARG A 620 -27.57 21.41 -14.21
CA ARG A 620 -28.92 21.72 -13.72
C ARG A 620 -29.77 20.46 -13.69
N GLU A 621 -29.94 19.86 -14.87
CA GLU A 621 -30.74 18.64 -15.01
C GLU A 621 -30.36 17.66 -13.90
N TYR A 622 -29.07 17.34 -13.84
CA TYR A 622 -28.51 16.45 -12.84
C TYR A 622 -28.97 16.82 -11.42
N LYS A 623 -28.74 18.09 -11.04
CA LYS A 623 -29.11 18.57 -9.69
C LYS A 623 -30.62 18.63 -9.47
N ARG A 624 -31.38 18.68 -10.57
CA ARG A 624 -32.83 18.69 -10.50
C ARG A 624 -33.32 17.34 -10.01
N LYS A 625 -32.55 16.30 -10.35
CA LYS A 625 -32.88 14.94 -9.98
C LYS A 625 -32.34 14.58 -8.60
N MET A 626 -31.40 15.39 -8.11
CA MET A 626 -30.81 15.18 -6.78
C MET A 626 -30.36 16.48 -6.09
N GLY A 627 -31.31 17.09 -5.38
CA GLY A 627 -30.99 18.06 -4.36
C GLY A 627 -30.76 17.25 -3.10
N MET A 628 -29.76 17.66 -2.32
CA MET A 628 -29.47 17.09 -0.99
C MET A 628 -28.61 15.83 -0.95
N ARG A 629 -28.78 14.92 -1.92
CA ARG A 629 -27.70 13.97 -2.24
C ARG A 629 -26.72 14.74 -3.10
N GLU A 630 -25.96 15.64 -2.45
CA GLU A 630 -25.22 16.74 -3.07
C GLU A 630 -25.97 18.06 -2.77
N GLY A 631 -25.88 19.06 -3.64
CA GLY A 631 -24.96 19.05 -4.77
C GLY A 631 -23.79 20.00 -4.56
N ALA A 632 -23.91 20.83 -3.53
CA ALA A 632 -23.29 22.18 -3.50
C ALA A 632 -23.42 22.97 -4.83
N SER A 633 -22.66 22.71 -5.91
CA SER A 633 -21.30 22.17 -6.01
C SER A 633 -20.87 21.52 -7.35
N ILE A 634 -21.71 21.20 -8.36
CA ILE A 634 -22.99 21.80 -8.75
C ILE A 634 -22.94 23.33 -8.83
N ASP A 635 -23.59 24.01 -7.90
CA ASP A 635 -23.58 25.46 -7.88
C ASP A 635 -22.16 26.01 -7.73
N SER A 636 -21.20 25.15 -7.43
CA SER A 636 -19.79 25.51 -7.48
C SER A 636 -19.30 25.50 -8.93
N TRP A 637 -19.60 24.40 -9.64
CA TRP A 637 -19.20 24.25 -11.05
C TRP A 637 -20.00 25.17 -11.95
N LEU A 638 -21.26 25.36 -11.63
CA LEU A 638 -22.11 26.20 -12.44
C LEU A 638 -21.57 27.63 -12.51
N GLU A 639 -21.34 28.24 -11.34
CA GLU A 639 -20.81 29.62 -11.25
C GLU A 639 -19.37 29.73 -11.80
N LEU A 640 -18.92 28.64 -12.43
CA LEU A 640 -17.60 28.54 -13.03
C LEU A 640 -17.75 28.32 -14.53
N LEU A 641 -18.98 28.07 -14.96
CA LEU A 641 -19.28 28.03 -16.38
C LEU A 641 -19.62 29.45 -16.83
N ARG A 642 -20.70 30.00 -16.27
CA ARG A 642 -21.12 31.40 -16.50
C ARG A 642 -20.19 32.35 -15.76
N HIS A 643 -18.92 32.28 -16.16
CA HIS A 643 -17.82 33.04 -15.61
C HIS A 643 -16.59 32.43 -16.28
N LEU A 644 -16.37 31.14 -16.05
CA LEU A 644 -15.10 30.46 -16.37
C LEU A 644 -13.89 31.37 -16.16
PG GTP B . 16.17 -24.58 28.29
O1G GTP B . 14.86 -25.47 28.60
O2G GTP B . 16.13 -24.35 26.67
O3G GTP B . 17.42 -25.28 28.69
O3B GTP B . 15.93 -23.07 28.99
PB GTP B . 15.51 -22.77 30.57
O1B GTP B . 14.07 -22.01 30.50
O2B GTP B . 16.53 -21.91 31.26
O3A GTP B . 15.28 -24.26 31.25
PA GTP B . 14.93 -24.60 32.83
O1A GTP B . 15.87 -23.61 33.69
O2A GTP B . 15.20 -26.02 33.18
O5' GTP B . 13.39 -24.18 33.11
C5' GTP B . 12.41 -24.13 32.07
C4' GTP B . 11.67 -25.46 31.89
O4' GTP B . 10.63 -25.57 32.90
C3' GTP B . 10.97 -25.56 30.53
O3' GTP B . 10.99 -26.91 30.08
C2' GTP B . 9.54 -25.12 30.83
O2' GTP B . 8.63 -25.78 29.96
C1' GTP B . 9.33 -25.60 32.27
N9 GTP B . 8.43 -24.66 33.00
C8 GTP B . 7.26 -24.99 33.56
N7 GTP B . 6.73 -23.90 34.12
C5 GTP B . 7.56 -22.88 33.92
C6 GTP B . 7.53 -21.53 34.28
O6 GTP B . 6.58 -21.08 34.90
N1 GTP B . 8.59 -20.69 33.90
C2 GTP B . 9.67 -21.24 33.18
N2 GTP B . 10.69 -20.48 32.81
N3 GTP B . 9.66 -22.54 32.85
C4 GTP B . 8.64 -23.36 33.20
N9 GUN C . 5.85 -8.03 8.30
C8 GUN C . 5.81 -7.58 7.00
N7 GUN C . 7.02 -7.07 6.59
C5 GUN C . 7.88 -7.16 7.62
C6 GUN C . 9.30 -6.84 7.91
O6 GUN C . 10.06 -6.30 7.07
N1 GUN C . 9.74 -7.14 9.14
C2 GUN C . 8.97 -7.71 10.10
N2 GUN C . 9.54 -7.96 11.29
N3 GUN C . 7.65 -8.06 9.92
C4 GUN C . 7.11 -7.79 8.73
N9 GUN D . -1.04 -2.62 -1.92
C8 GUN D . -1.20 -2.55 -0.57
N7 GUN D . -2.50 -2.59 -0.20
C5 GUN D . -3.23 -2.69 -1.32
C6 GUN D . -4.67 -2.80 -1.69
O6 GUN D . -5.55 -2.79 -0.80
N1 GUN D . -4.97 -2.88 -3.00
C2 GUN D . -4.04 -2.90 -3.96
N2 GUN D . -4.42 -3.00 -5.25
N3 GUN D . -2.71 -2.81 -3.71
C4 GUN D . -2.29 -2.70 -2.42
#